data_4PY9
#
_entry.id   4PY9
#
_cell.length_a   90.892
_cell.length_b   90.892
_cell.length_c   107.684
_cell.angle_alpha   90.00
_cell.angle_beta   90.00
_cell.angle_gamma   120.00
#
_symmetry.space_group_name_H-M   'P 32 2 1'
#
loop_
_entity.id
_entity.type
_entity.pdbx_description
1 polymer 'Putative exopolyphosphatase-related protein'
2 non-polymer 'PHOSPHATE ION'
3 non-polymer 'SODIUM ION'
4 water water
#
_entity_poly.entity_id   1
_entity_poly.type   'polypeptide(L)'
_entity_poly.pdbx_seq_one_letter_code
;(MSE)LTKVIAQAHIDHFTKWFERADKIVIVSHVSPDGDAIGSSLGLYHFLDSQDKIVNVIVPNAFPDFLKW(MSE)PGS
KDILLYDRYQEFADKLI(MSE)EADVICCLDFNALKRIDE(MSE)SDIVAASPGRKI(MSE)IDHHLYPEDFCRITISHP
EISSTSELVFRLICR(MSE)GYFSDISKEGAECIYTG(MSE)(MSE)TDTGGFTYNSNNREIYFIISELLSKGIDKDDIY
RKVYNTYSESRLRL(MSE)GYVLSN(MSE)KVYKDYNSALISLTKEEQGKFDYIKGDSEGFVNIPLSIKNVCFSCFLRED
TEKK(MSE)IKISLRSVGKFPCNRLAAEFFNGGGHLNASGGEFYGT(MSE)EEAVKVFEQALEKYKPLLKE
;
_entity_poly.pdbx_strand_id   A
#
# COMPACT_ATOMS: atom_id res chain seq x y z
N LEU A 2 -21.34 -1.11 -10.17
CA LEU A 2 -22.70 -1.59 -10.54
C LEU A 2 -23.17 -2.77 -9.67
N THR A 3 -22.28 -3.73 -9.43
CA THR A 3 -22.60 -4.88 -8.59
C THR A 3 -22.49 -4.53 -7.10
N LYS A 4 -23.39 -5.09 -6.30
CA LYS A 4 -23.38 -4.87 -4.85
C LYS A 4 -22.41 -5.84 -4.16
N VAL A 5 -21.17 -5.39 -3.96
CA VAL A 5 -20.13 -6.16 -3.26
C VAL A 5 -20.23 -6.03 -1.74
N ILE A 6 -20.34 -4.80 -1.25
CA ILE A 6 -20.40 -4.53 0.18
C ILE A 6 -21.79 -4.88 0.70
N ALA A 7 -21.82 -5.54 1.85
CA ALA A 7 -23.09 -5.94 2.46
C ALA A 7 -23.92 -4.71 2.85
N GLN A 8 -25.17 -4.69 2.40
CA GLN A 8 -26.11 -3.60 2.71
C GLN A 8 -26.27 -3.36 4.21
N ALA A 9 -26.24 -4.42 5.00
CA ALA A 9 -26.35 -4.31 6.45
C ALA A 9 -25.18 -3.50 7.01
N HIS A 10 -23.97 -3.75 6.49
CA HIS A 10 -22.79 -2.98 6.88
C HIS A 10 -22.91 -1.51 6.46
N ILE A 11 -23.46 -1.28 5.27
CA ILE A 11 -23.72 0.09 4.79
C ILE A 11 -24.76 0.80 5.66
N ASP A 12 -25.82 0.08 6.02
CA ASP A 12 -26.87 0.63 6.88
C ASP A 12 -26.29 1.04 8.25
N HIS A 13 -25.52 0.14 8.86
CA HIS A 13 -24.93 0.37 10.18
C HIS A 13 -24.01 1.59 10.19
N PHE A 14 -23.09 1.66 9.23
CA PHE A 14 -22.14 2.78 9.19
C PHE A 14 -22.83 4.11 8.94
N THR A 15 -23.87 4.11 8.12
CA THR A 15 -24.66 5.31 7.87
C THR A 15 -25.23 5.86 9.17
N LYS A 16 -25.63 4.96 10.07
CA LYS A 16 -26.12 5.35 11.40
C LYS A 16 -25.03 6.06 12.18
N TRP A 17 -23.88 5.42 12.31
CA TRP A 17 -22.69 6.03 12.91
C TRP A 17 -22.38 7.38 12.27
N PHE A 18 -22.35 7.39 10.94
CA PHE A 18 -21.99 8.55 10.14
C PHE A 18 -22.86 9.77 10.46
N GLU A 19 -24.18 9.56 10.54
CA GLU A 19 -25.11 10.64 10.83
C GLU A 19 -24.99 11.17 12.27
N ARG A 20 -24.74 10.27 13.21
CA ARG A 20 -24.55 10.66 14.62
C ARG A 20 -23.20 11.32 14.91
N ALA A 21 -22.19 11.02 14.10
CA ALA A 21 -20.82 11.41 14.40
C ALA A 21 -20.59 12.90 14.22
N ASP A 22 -19.86 13.50 15.15
CA ASP A 22 -19.33 14.85 15.00
C ASP A 22 -17.84 14.79 14.67
N LYS A 23 -17.13 13.88 15.34
CA LYS A 23 -15.68 13.76 15.22
C LYS A 23 -15.29 12.38 14.69
N ILE A 24 -14.54 12.38 13.58
CA ILE A 24 -14.14 11.15 12.92
C ILE A 24 -12.64 11.15 12.67
N VAL A 25 -12.00 10.01 12.95
CA VAL A 25 -10.60 9.80 12.63
C VAL A 25 -10.44 8.68 11.60
N ILE A 26 -9.60 8.92 10.60
CA ILE A 26 -9.26 7.91 9.61
C ILE A 26 -7.81 7.48 9.82
N VAL A 27 -7.58 6.19 9.99
CA VAL A 27 -6.24 5.65 10.20
C VAL A 27 -5.86 4.71 9.06
N SER A 28 -4.58 4.72 8.68
CA SER A 28 -4.06 3.76 7.71
C SER A 28 -2.66 3.30 8.08
N HIS A 29 -2.08 2.41 7.28
CA HIS A 29 -0.96 1.58 7.72
C HIS A 29 0.41 2.25 7.69
N VAL A 30 1.37 1.63 8.38
CA VAL A 30 2.76 2.09 8.45
C VAL A 30 3.37 2.16 7.06
N SER A 31 4.29 3.11 6.87
CA SER A 31 4.82 3.42 5.55
C SER A 31 3.71 3.47 4.51
N PRO A 32 2.74 4.38 4.70
CA PRO A 32 1.59 4.42 3.80
C PRO A 32 2.00 4.76 2.37
N ASP A 33 1.29 4.17 1.41
CA ASP A 33 1.57 4.36 -0.01
C ASP A 33 0.33 4.93 -0.71
N GLY A 34 0.30 4.85 -2.05
CA GLY A 34 -0.76 5.43 -2.85
C GLY A 34 -2.18 5.07 -2.40
N ASP A 35 -2.40 3.80 -2.11
CA ASP A 35 -3.74 3.30 -1.78
C ASP A 35 -4.09 3.58 -0.31
N ALA A 36 -3.07 3.61 0.55
CA ALA A 36 -3.29 3.99 1.95
C ALA A 36 -3.74 5.46 2.00
N ILE A 37 -2.96 6.31 1.34
CA ILE A 37 -3.22 7.75 1.35
C ILE A 37 -4.42 8.12 0.46
N GLY A 38 -4.51 7.48 -0.70
CA GLY A 38 -5.59 7.71 -1.64
C GLY A 38 -6.97 7.38 -1.06
N SER A 39 -7.10 6.20 -0.47
CA SER A 39 -8.35 5.79 0.15
C SER A 39 -8.70 6.68 1.35
N SER A 40 -7.71 6.98 2.18
CA SER A 40 -7.90 7.83 3.35
C SER A 40 -8.32 9.25 2.97
N LEU A 41 -7.65 9.82 1.98
CA LEU A 41 -7.95 11.18 1.52
C LEU A 41 -9.26 11.23 0.73
N GLY A 42 -9.56 10.15 0.01
CA GLY A 42 -10.84 10.02 -0.66
C GLY A 42 -11.98 10.07 0.33
N LEU A 43 -11.89 9.26 1.38
CA LEU A 43 -12.89 9.27 2.44
C LEU A 43 -12.92 10.62 3.18
N TYR A 44 -11.74 11.17 3.44
CA TYR A 44 -11.61 12.47 4.11
C TYR A 44 -12.41 13.55 3.40
N HIS A 45 -12.19 13.72 2.09
CA HIS A 45 -12.88 14.75 1.33
C HIS A 45 -14.40 14.59 1.38
N PHE A 46 -14.89 13.37 1.19
CA PHE A 46 -16.32 13.12 1.32
C PHE A 46 -16.82 13.53 2.71
N LEU A 47 -16.21 12.97 3.75
CA LEU A 47 -16.65 13.23 5.12
C LEU A 47 -16.59 14.71 5.45
N ASP A 48 -15.51 15.36 5.03
CA ASP A 48 -15.33 16.79 5.27
C ASP A 48 -16.40 17.65 4.56
N SER A 49 -16.92 17.16 3.44
CA SER A 49 -18.00 17.86 2.74
C SER A 49 -19.33 17.82 3.50
N GLN A 50 -19.44 16.94 4.48
CA GLN A 50 -20.68 16.73 5.22
C GLN A 50 -20.64 17.33 6.62
N ASP A 51 -20.00 18.48 6.78
CA ASP A 51 -19.99 19.23 8.04
C ASP A 51 -19.52 18.36 9.21
N LYS A 52 -18.39 17.69 9.03
CA LYS A 52 -17.82 16.85 10.08
C LYS A 52 -16.35 17.20 10.34
N ILE A 53 -15.93 17.02 11.58
CA ILE A 53 -14.53 17.20 11.95
C ILE A 53 -13.82 15.89 11.62
N VAL A 54 -12.87 15.95 10.69
CA VAL A 54 -12.18 14.76 10.19
C VAL A 54 -10.67 14.97 10.19
N ASN A 55 -9.95 14.00 10.74
CA ASN A 55 -8.49 14.00 10.73
C ASN A 55 -7.97 12.65 10.28
N VAL A 56 -6.99 12.68 9.38
CA VAL A 56 -6.31 11.48 8.90
C VAL A 56 -5.00 11.35 9.65
N ILE A 57 -4.77 10.17 10.23
CA ILE A 57 -3.57 9.92 11.02
C ILE A 57 -2.89 8.65 10.54
N VAL A 58 -1.59 8.75 10.28
CA VAL A 58 -0.79 7.60 9.88
C VAL A 58 0.47 7.56 10.74
N PRO A 59 1.06 6.36 10.91
CA PRO A 59 2.18 6.23 11.84
C PRO A 59 3.46 6.92 11.35
N ASN A 60 3.56 7.07 10.04
CA ASN A 60 4.84 7.19 9.36
C ASN A 60 4.71 8.09 8.15
N ALA A 61 5.80 8.71 7.74
CA ALA A 61 5.80 9.56 6.55
C ALA A 61 5.45 8.77 5.29
N PHE A 62 4.74 9.43 4.37
CA PHE A 62 4.46 8.88 3.04
C PHE A 62 5.42 9.49 2.04
N PRO A 63 5.65 8.82 0.90
CA PRO A 63 6.63 9.30 -0.08
C PRO A 63 6.31 10.70 -0.63
N ASP A 64 7.35 11.38 -1.10
CA ASP A 64 7.23 12.73 -1.63
C ASP A 64 6.39 12.79 -2.90
N PHE A 65 6.39 11.71 -3.68
CA PHE A 65 5.59 11.66 -4.90
C PHE A 65 4.07 11.58 -4.64
N LEU A 66 3.68 11.59 -3.36
CA LEU A 66 2.27 11.69 -2.95
C LEU A 66 1.90 13.07 -2.37
N LYS A 67 2.89 13.95 -2.18
CA LYS A 67 2.66 15.27 -1.56
C LYS A 67 1.67 16.14 -2.35
N TRP A 68 1.59 15.95 -3.66
CA TRP A 68 0.69 16.71 -4.51
C TRP A 68 -0.80 16.51 -4.17
N PRO A 70 -4.37 16.52 -2.81
CA PRO A 70 -5.06 17.55 -2.04
C PRO A 70 -5.47 17.03 -0.67
N GLY A 71 -5.10 17.75 0.37
CA GLY A 71 -5.31 17.32 1.76
C GLY A 71 -4.15 16.57 2.40
N SER A 72 -3.13 16.24 1.61
CA SER A 72 -1.99 15.47 2.13
C SER A 72 -1.23 16.22 3.22
N LYS A 73 -1.16 17.55 3.11
CA LYS A 73 -0.44 18.37 4.09
C LYS A 73 -1.07 18.33 5.49
N ASP A 74 -2.37 18.01 5.56
CA ASP A 74 -3.09 17.94 6.83
C ASP A 74 -3.09 16.55 7.45
N ILE A 75 -2.52 15.56 6.75
CA ILE A 75 -2.35 14.23 7.32
C ILE A 75 -1.39 14.32 8.51
N LEU A 76 -1.80 13.74 9.64
CA LEU A 76 -1.03 13.83 10.87
C LEU A 76 -0.14 12.60 11.01
N LEU A 77 1.16 12.84 11.19
CA LEU A 77 2.12 11.76 11.37
C LEU A 77 2.26 11.45 12.85
N TYR A 78 1.92 10.21 13.22
CA TYR A 78 1.90 9.78 14.62
C TYR A 78 3.26 9.87 15.31
N ASP A 79 4.33 9.57 14.57
CA ASP A 79 5.69 9.60 15.13
C ASP A 79 6.24 11.02 15.32
N ARG A 80 5.45 12.05 14.99
CA ARG A 80 5.83 13.44 15.21
C ARG A 80 4.85 14.23 16.09
N TYR A 81 3.61 13.75 16.21
CA TYR A 81 2.59 14.44 17.00
C TYR A 81 1.74 13.42 17.76
N GLN A 82 2.42 12.54 18.50
CA GLN A 82 1.78 11.43 19.20
C GLN A 82 0.70 11.88 20.17
N GLU A 83 1.05 12.86 21.01
CA GLU A 83 0.14 13.38 22.04
C GLU A 83 -1.12 13.95 21.39
N PHE A 84 -0.93 14.75 20.34
CA PHE A 84 -2.04 15.36 19.60
C PHE A 84 -2.91 14.28 18.94
N ALA A 85 -2.27 13.35 18.24
CA ALA A 85 -2.97 12.23 17.61
C ALA A 85 -3.73 11.41 18.64
N ASP A 86 -3.08 11.09 19.75
CA ASP A 86 -3.71 10.31 20.81
C ASP A 86 -5.03 10.91 21.27
N LYS A 87 -5.05 12.24 21.46
CA LYS A 87 -6.28 12.93 21.86
C LYS A 87 -7.38 12.78 20.81
N LEU A 88 -7.04 13.01 19.55
CA LEU A 88 -8.00 12.87 18.46
C LEU A 88 -8.57 11.46 18.43
N ILE A 89 -7.70 10.46 18.59
CA ILE A 89 -8.13 9.05 18.54
C ILE A 89 -9.05 8.71 19.71
N GLU A 91 -10.87 10.63 21.45
CA GLU A 91 -12.11 11.43 21.43
C GLU A 91 -12.99 11.21 20.20
N ALA A 92 -12.52 10.42 19.24
CA ALA A 92 -13.28 10.19 18.00
C ALA A 92 -14.58 9.44 18.27
N ASP A 93 -15.68 9.92 17.69
CA ASP A 93 -16.95 9.19 17.72
C ASP A 93 -16.84 7.94 16.84
N VAL A 94 -16.16 8.08 15.71
CA VAL A 94 -15.95 6.97 14.77
C VAL A 94 -14.51 6.93 14.29
N ILE A 95 -13.93 5.73 14.28
CA ILE A 95 -12.56 5.53 13.79
C ILE A 95 -12.60 4.63 12.56
N CYS A 96 -12.24 5.19 11.41
CA CYS A 96 -12.22 4.43 10.16
C CYS A 96 -10.83 3.88 9.93
N CYS A 97 -10.72 2.55 9.91
CA CYS A 97 -9.44 1.86 9.70
C CYS A 97 -9.31 1.42 8.24
N LEU A 98 -8.56 2.18 7.46
CA LEU A 98 -8.48 2.00 6.01
C LEU A 98 -7.19 1.34 5.55
N ASP A 99 -7.34 0.27 4.78
CA ASP A 99 -6.25 -0.38 4.09
C ASP A 99 -5.33 -1.21 5.01
N PHE A 100 -5.85 -1.61 6.16
CA PHE A 100 -5.18 -2.64 6.95
C PHE A 100 -6.21 -3.44 7.72
N ASN A 101 -5.83 -4.64 8.12
CA ASN A 101 -6.76 -5.54 8.81
C ASN A 101 -6.20 -6.17 10.08
N ALA A 102 -5.07 -5.67 10.54
CA ALA A 102 -4.43 -6.17 11.75
C ALA A 102 -3.70 -5.05 12.45
N LEU A 103 -3.90 -4.93 13.75
CA LEU A 103 -3.35 -3.81 14.54
C LEU A 103 -1.83 -3.63 14.41
N LYS A 104 -1.12 -4.71 14.14
CA LYS A 104 0.33 -4.63 13.92
C LYS A 104 0.73 -3.82 12.69
N ARG A 105 -0.18 -3.68 11.73
CA ARG A 105 0.06 -2.88 10.53
C ARG A 105 0.12 -1.37 10.80
N ILE A 106 -0.30 -0.93 11.99
CA ILE A 106 -0.18 0.48 12.38
C ILE A 106 0.86 0.72 13.49
N ASP A 107 1.73 -0.27 13.70
CA ASP A 107 3.04 -0.09 14.37
C ASP A 107 3.17 1.10 15.34
N GLU A 108 2.79 0.89 16.60
CA GLU A 108 2.86 1.89 17.69
C GLU A 108 1.58 2.71 17.88
N SER A 110 -1.13 1.04 17.58
CA SER A 110 -1.99 -0.08 17.99
C SER A 110 -2.74 0.15 19.30
N ASP A 111 -2.00 0.53 20.33
CA ASP A 111 -2.55 0.60 21.68
C ASP A 111 -3.62 1.66 21.82
N ILE A 112 -3.35 2.86 21.31
CA ILE A 112 -4.32 3.95 21.40
C ILE A 112 -5.57 3.65 20.57
N VAL A 113 -5.39 3.08 19.38
CA VAL A 113 -6.52 2.69 18.53
C VAL A 113 -7.30 1.56 19.18
N ALA A 114 -6.59 0.54 19.68
CA ALA A 114 -7.22 -0.55 20.44
C ALA A 114 -8.03 -0.04 21.63
N ALA A 115 -7.50 0.96 22.33
CA ALA A 115 -8.09 1.43 23.59
C ALA A 115 -9.27 2.38 23.40
N SER A 116 -9.28 3.12 22.29
CA SER A 116 -10.31 4.15 22.07
C SER A 116 -11.73 3.57 22.12
N PRO A 117 -12.65 4.27 22.80
CA PRO A 117 -14.05 3.83 22.87
C PRO A 117 -14.88 4.21 21.64
N GLY A 118 -14.29 4.98 20.73
CA GLY A 118 -14.94 5.34 19.47
C GLY A 118 -15.27 4.11 18.63
N ARG A 119 -16.31 4.24 17.81
CA ARG A 119 -16.82 3.12 17.03
C ARG A 119 -15.92 2.86 15.83
N LYS A 120 -15.44 1.63 15.71
CA LYS A 120 -14.44 1.28 14.71
C LYS A 120 -15.05 0.54 13.52
N ILE A 121 -14.67 0.97 12.32
CA ILE A 121 -15.04 0.27 11.09
C ILE A 121 -13.79 0.04 10.27
N ILE A 123 -12.24 -0.88 6.55
CA ILE A 123 -12.49 -0.89 5.11
C ILE A 123 -11.18 -1.31 4.46
N ASP A 124 -11.14 -2.53 3.93
CA ASP A 124 -9.88 -3.14 3.55
C ASP A 124 -10.05 -4.25 2.52
N HIS A 125 -8.99 -4.51 1.75
CA HIS A 125 -8.99 -5.58 0.75
C HIS A 125 -7.87 -6.62 0.94
N HIS A 126 -7.24 -6.65 2.11
CA HIS A 126 -6.21 -7.66 2.41
C HIS A 126 -6.80 -8.96 2.93
N LEU A 127 -6.05 -10.05 2.80
CA LEU A 127 -6.51 -11.35 3.26
C LEU A 127 -6.30 -11.50 4.76
N TYR A 128 -7.20 -12.24 5.41
CA TYR A 128 -7.04 -12.68 6.80
C TYR A 128 -7.20 -11.57 7.84
N PRO A 129 -8.40 -10.96 7.92
CA PRO A 129 -8.62 -9.85 8.84
C PRO A 129 -8.81 -10.27 10.29
N GLU A 130 -8.46 -9.37 11.21
CA GLU A 130 -8.70 -9.56 12.65
C GLU A 130 -10.05 -8.97 13.00
N ASP A 131 -10.53 -9.22 14.22
CA ASP A 131 -11.83 -8.72 14.65
C ASP A 131 -11.70 -7.66 15.77
N PHE A 132 -10.94 -6.60 15.50
CA PHE A 132 -10.85 -5.46 16.43
C PHE A 132 -11.84 -4.35 16.10
N CYS A 133 -12.48 -4.44 14.92
CA CYS A 133 -13.51 -3.47 14.53
C CYS A 133 -14.90 -4.06 14.68
N ARG A 134 -15.85 -3.19 15.02
CA ARG A 134 -17.25 -3.56 15.19
C ARG A 134 -17.93 -3.79 13.83
N ILE A 135 -17.55 -2.99 12.84
CA ILE A 135 -18.01 -3.21 11.45
C ILE A 135 -16.81 -3.56 10.58
N THR A 136 -16.92 -4.68 9.87
CA THR A 136 -15.82 -5.21 9.08
C THR A 136 -16.22 -5.34 7.61
N ILE A 137 -15.67 -4.46 6.79
CA ILE A 137 -15.83 -4.55 5.35
C ILE A 137 -14.52 -5.08 4.78
N SER A 138 -14.47 -6.41 4.59
CA SER A 138 -13.29 -7.11 4.12
C SER A 138 -13.58 -7.77 2.78
N HIS A 139 -12.97 -7.26 1.72
CA HIS A 139 -13.17 -7.82 0.37
C HIS A 139 -11.85 -7.99 -0.37
N PRO A 140 -11.15 -9.10 -0.13
CA PRO A 140 -9.88 -9.37 -0.80
C PRO A 140 -10.01 -9.60 -2.30
N GLU A 141 -11.22 -9.87 -2.80
CA GLU A 141 -11.46 -9.99 -4.23
C GLU A 141 -11.39 -8.62 -4.95
N ILE A 142 -11.51 -7.53 -4.20
CA ILE A 142 -11.36 -6.19 -4.77
C ILE A 142 -9.89 -5.79 -4.71
N SER A 143 -9.42 -5.13 -5.77
CA SER A 143 -7.98 -4.88 -5.97
C SER A 143 -7.42 -3.68 -5.19
N SER A 144 -8.27 -2.84 -4.63
CA SER A 144 -7.79 -1.76 -3.78
C SER A 144 -8.81 -1.32 -2.73
N THR A 145 -8.33 -0.66 -1.69
CA THR A 145 -9.18 -0.08 -0.65
C THR A 145 -9.86 1.15 -1.21
N SER A 146 -9.18 1.86 -2.09
CA SER A 146 -9.72 3.06 -2.72
C SER A 146 -11.03 2.76 -3.44
N GLU A 147 -11.10 1.62 -4.12
CA GLU A 147 -12.32 1.19 -4.78
C GLU A 147 -13.44 0.91 -3.76
N LEU A 148 -13.11 0.27 -2.65
CA LEU A 148 -14.11 0.00 -1.61
C LEU A 148 -14.68 1.28 -1.04
N VAL A 149 -13.81 2.28 -0.86
CA VAL A 149 -14.23 3.60 -0.37
C VAL A 149 -15.19 4.26 -1.35
N PHE A 150 -14.84 4.24 -2.63
CA PHE A 150 -15.73 4.74 -3.68
C PHE A 150 -17.08 4.02 -3.63
N ARG A 151 -17.03 2.70 -3.57
CA ARG A 151 -18.23 1.87 -3.49
C ARG A 151 -19.11 2.20 -2.29
N LEU A 152 -18.49 2.29 -1.11
CA LEU A 152 -19.23 2.62 0.12
C LEU A 152 -19.97 3.95 -0.01
N ILE A 153 -19.27 4.97 -0.48
CA ILE A 153 -19.83 6.31 -0.61
C ILE A 153 -20.97 6.33 -1.63
N CYS A 154 -20.81 5.57 -2.71
CA CYS A 154 -21.85 5.43 -3.73
C CYS A 154 -23.10 4.76 -3.17
N ARG A 155 -22.93 3.61 -2.51
CA ARG A 155 -24.06 2.88 -1.92
C ARG A 155 -24.82 3.70 -0.87
N GLY A 157 -25.39 6.69 -1.22
CA GLY A 157 -26.16 7.63 -2.02
C GLY A 157 -25.48 8.97 -2.27
N TYR A 158 -24.17 9.05 -1.97
CA TYR A 158 -23.46 10.34 -2.02
C TYR A 158 -22.44 10.44 -3.16
N PHE A 159 -22.70 9.77 -4.27
CA PHE A 159 -21.83 9.89 -5.45
C PHE A 159 -21.65 11.33 -5.88
N SER A 160 -22.73 12.12 -5.78
CA SER A 160 -22.69 13.52 -6.21
C SER A 160 -21.80 14.40 -5.34
N ASP A 161 -21.53 13.96 -4.11
CA ASP A 161 -20.67 14.70 -3.19
C ASP A 161 -19.21 14.25 -3.21
N ILE A 162 -18.84 13.38 -4.15
CA ILE A 162 -17.44 13.08 -4.38
C ILE A 162 -16.88 14.18 -5.28
N SER A 163 -15.96 14.97 -4.72
CA SER A 163 -15.36 16.09 -5.44
C SER A 163 -14.28 15.64 -6.41
N LYS A 164 -13.89 16.57 -7.29
CA LYS A 164 -12.75 16.35 -8.19
C LYS A 164 -11.52 15.91 -7.38
N GLU A 165 -11.27 16.61 -6.28
CA GLU A 165 -10.16 16.28 -5.39
C GLU A 165 -10.30 14.90 -4.78
N GLY A 166 -11.51 14.58 -4.29
CA GLY A 166 -11.80 13.25 -3.76
C GLY A 166 -11.55 12.17 -4.80
N ALA A 167 -12.04 12.41 -6.02
CA ALA A 167 -11.88 11.48 -7.14
C ALA A 167 -10.41 11.27 -7.50
N GLU A 168 -9.62 12.33 -7.43
CA GLU A 168 -8.18 12.23 -7.69
C GLU A 168 -7.53 11.25 -6.71
N CYS A 169 -7.88 11.37 -5.45
CA CYS A 169 -7.30 10.54 -4.40
C CYS A 169 -7.70 9.07 -4.57
N ILE A 170 -8.97 8.85 -4.90
CA ILE A 170 -9.47 7.50 -5.12
C ILE A 170 -8.82 6.85 -6.33
N TYR A 171 -8.72 7.60 -7.43
CA TYR A 171 -8.06 7.06 -8.61
C TYR A 171 -6.61 6.70 -8.30
N THR A 172 -5.93 7.57 -7.56
CA THR A 172 -4.51 7.38 -7.25
C THR A 172 -4.27 6.03 -6.60
N GLY A 173 -5.13 5.65 -5.65
CA GLY A 173 -4.99 4.39 -4.95
C GLY A 173 -5.29 3.20 -5.82
N THR A 176 -2.12 2.90 -8.13
CA THR A 176 -0.89 2.41 -7.52
C THR A 176 -0.99 0.94 -7.10
N ASP A 177 -2.14 0.53 -6.57
CA ASP A 177 -2.29 -0.85 -6.09
C ASP A 177 -2.42 -1.90 -7.19
N THR A 178 -2.67 -1.48 -8.44
CA THR A 178 -2.70 -2.40 -9.58
C THR A 178 -1.52 -2.18 -10.53
N GLY A 179 -0.50 -1.45 -10.07
CA GLY A 179 0.67 -1.12 -10.89
C GLY A 179 0.30 -0.43 -12.19
N GLY A 180 -0.55 0.59 -12.08
CA GLY A 180 -1.08 1.27 -13.24
C GLY A 180 -2.01 0.38 -14.06
N PHE A 181 -2.85 -0.39 -13.36
CA PHE A 181 -3.79 -1.32 -13.99
C PHE A 181 -3.09 -2.30 -14.94
N THR A 182 -2.02 -2.90 -14.43
CA THR A 182 -1.28 -3.93 -15.16
C THR A 182 -1.31 -5.28 -14.45
N TYR A 183 -1.77 -5.32 -13.20
CA TYR A 183 -2.00 -6.58 -12.51
C TYR A 183 -3.23 -6.53 -11.61
N ASN A 184 -3.89 -7.68 -11.47
CA ASN A 184 -5.10 -7.82 -10.67
C ASN A 184 -6.17 -6.81 -11.09
N SER A 185 -6.29 -6.58 -12.40
CA SER A 185 -7.14 -5.52 -12.93
C SER A 185 -8.12 -6.00 -14.00
N ASN A 186 -8.35 -7.31 -14.10
CA ASN A 186 -9.23 -7.85 -15.15
C ASN A 186 -10.73 -7.56 -14.98
N ASN A 187 -11.15 -7.14 -13.79
CA ASN A 187 -12.56 -6.91 -13.52
C ASN A 187 -13.15 -5.72 -14.28
N ARG A 188 -14.25 -5.96 -15.00
CA ARG A 188 -14.95 -4.94 -15.79
C ARG A 188 -15.31 -3.67 -15.03
N GLU A 189 -15.76 -3.82 -13.79
CA GLU A 189 -16.34 -2.70 -13.05
C GLU A 189 -15.31 -1.66 -12.66
N ILE A 190 -14.03 -2.05 -12.62
CA ILE A 190 -12.94 -1.10 -12.42
C ILE A 190 -13.03 0.05 -13.41
N TYR A 191 -13.31 -0.27 -14.67
CA TYR A 191 -13.21 0.70 -15.78
C TYR A 191 -14.46 1.56 -15.90
N PHE A 192 -15.58 1.06 -15.38
CA PHE A 192 -16.75 1.90 -15.18
C PHE A 192 -16.45 2.92 -14.09
N ILE A 193 -15.83 2.47 -13.00
CA ILE A 193 -15.46 3.37 -11.90
C ILE A 193 -14.48 4.45 -12.38
N ILE A 194 -13.51 4.05 -13.20
CA ILE A 194 -12.55 5.01 -13.74
C ILE A 194 -13.29 6.07 -14.56
N SER A 195 -14.22 5.62 -15.39
CA SER A 195 -15.06 6.52 -16.17
C SER A 195 -15.83 7.47 -15.25
N GLU A 196 -16.41 6.94 -14.17
CA GLU A 196 -17.14 7.78 -13.22
C GLU A 196 -16.24 8.84 -12.58
N LEU A 197 -15.00 8.47 -12.29
CA LEU A 197 -14.03 9.39 -11.69
C LEU A 197 -13.60 10.46 -12.68
N LEU A 198 -13.46 10.06 -13.94
CA LEU A 198 -13.13 11.02 -15.01
C LEU A 198 -14.24 12.04 -15.19
N SER A 199 -15.49 11.62 -14.94
CA SER A 199 -16.62 12.53 -15.03
C SER A 199 -16.56 13.64 -13.97
N LYS A 200 -15.71 13.46 -12.95
CA LYS A 200 -15.51 14.47 -11.92
C LYS A 200 -14.43 15.49 -12.29
N GLY A 201 -13.83 15.34 -13.47
CA GLY A 201 -12.86 16.30 -13.99
C GLY A 201 -11.40 15.94 -13.77
N ILE A 202 -11.10 14.74 -13.28
CA ILE A 202 -9.72 14.38 -12.98
C ILE A 202 -8.91 14.16 -14.25
N ASP A 203 -7.61 14.36 -14.15
CA ASP A 203 -6.70 14.09 -15.27
C ASP A 203 -5.85 12.89 -14.88
N LYS A 204 -6.24 11.72 -15.35
CA LYS A 204 -5.58 10.47 -14.95
C LYS A 204 -4.15 10.40 -15.48
N ASP A 205 -3.88 11.01 -16.62
CA ASP A 205 -2.54 11.01 -17.21
C ASP A 205 -1.60 11.87 -16.37
N ASP A 206 -2.07 13.04 -15.93
CA ASP A 206 -1.28 13.89 -15.05
C ASP A 206 -0.99 13.22 -13.70
N ILE A 207 -1.96 12.46 -13.19
CA ILE A 207 -1.81 11.76 -11.92
C ILE A 207 -0.74 10.68 -12.04
N TYR A 208 -0.74 9.98 -13.16
CA TYR A 208 0.31 9.00 -13.45
C TYR A 208 1.69 9.65 -13.38
N ARG A 209 1.84 10.79 -14.05
CA ARG A 209 3.13 11.49 -14.12
C ARG A 209 3.59 11.95 -12.74
N LYS A 210 2.66 12.47 -11.94
CA LYS A 210 2.98 12.97 -10.62
C LYS A 210 3.52 11.89 -9.68
N VAL A 211 3.02 10.67 -9.84
CA VAL A 211 3.41 9.57 -8.98
C VAL A 211 4.65 8.83 -9.49
N TYR A 212 4.71 8.59 -10.80
CA TYR A 212 5.74 7.74 -11.40
C TYR A 212 6.83 8.46 -12.19
N ASN A 213 6.55 9.69 -12.67
CA ASN A 213 7.52 10.44 -13.46
C ASN A 213 8.06 11.63 -12.69
N THR A 214 8.33 11.41 -11.41
CA THR A 214 8.81 12.47 -10.54
C THR A 214 9.86 11.93 -9.61
N TYR A 215 11.07 11.76 -10.14
CA TYR A 215 12.21 11.47 -9.30
C TYR A 215 13.53 11.91 -9.91
N SER A 216 14.58 11.86 -9.09
CA SER A 216 15.84 12.49 -9.40
C SER A 216 16.61 11.82 -10.53
N GLU A 217 17.56 12.57 -11.07
CA GLU A 217 18.54 12.06 -12.02
C GLU A 217 19.37 10.95 -11.37
N SER A 218 19.78 11.17 -10.13
CA SER A 218 20.58 10.18 -9.40
C SER A 218 19.82 8.88 -9.18
N ARG A 219 18.53 8.97 -8.87
CA ARG A 219 17.70 7.78 -8.68
C ARG A 219 17.62 6.91 -9.93
N LEU A 220 17.43 7.55 -11.09
CA LEU A 220 17.28 6.80 -12.34
C LEU A 220 18.60 6.19 -12.80
N ARG A 221 19.70 6.92 -12.58
CA ARG A 221 21.02 6.39 -12.90
C ARG A 221 21.35 5.20 -11.99
N LEU A 222 20.92 5.31 -10.73
CA LEU A 222 21.07 4.22 -9.75
C LEU A 222 20.33 2.95 -10.20
N GLY A 224 19.63 2.10 -13.19
CA GLY A 224 20.38 1.56 -14.32
C GLY A 224 21.63 0.81 -13.91
N TYR A 225 22.34 1.33 -12.92
CA TYR A 225 23.55 0.68 -12.39
C TYR A 225 23.19 -0.70 -11.82
N VAL A 226 22.14 -0.73 -11.00
CA VAL A 226 21.67 -1.96 -10.36
C VAL A 226 21.28 -3.00 -11.42
N LEU A 227 20.60 -2.55 -12.47
CA LEU A 227 20.23 -3.44 -13.58
C LEU A 227 21.45 -3.94 -14.35
N SER A 228 22.43 -3.05 -14.57
CA SER A 228 23.68 -3.44 -15.22
C SER A 228 24.39 -4.59 -14.49
N ASN A 229 24.30 -4.60 -13.16
CA ASN A 229 24.96 -5.60 -12.33
C ASN A 229 24.02 -6.68 -11.80
N LYS A 231 22.15 -10.35 -11.55
CA LYS A 231 22.48 -11.76 -11.74
C LYS A 231 21.20 -12.54 -12.03
N VAL A 232 21.16 -13.24 -13.15
CA VAL A 232 20.03 -14.08 -13.51
C VAL A 232 20.41 -15.55 -13.40
N TYR A 233 19.56 -16.33 -12.72
CA TYR A 233 19.75 -17.77 -12.59
C TYR A 233 18.80 -18.45 -13.57
N LYS A 234 19.33 -18.77 -14.76
CA LYS A 234 18.49 -19.21 -15.89
C LYS A 234 17.70 -20.49 -15.64
N ASP A 235 18.28 -21.43 -14.88
CA ASP A 235 17.60 -22.70 -14.60
C ASP A 235 16.55 -22.59 -13.48
N TYR A 236 16.52 -21.46 -12.79
CA TYR A 236 15.63 -21.26 -11.64
C TYR A 236 14.56 -20.17 -11.90
N ASN A 237 14.52 -19.64 -13.12
CA ASN A 237 13.55 -18.60 -13.50
C ASN A 237 13.52 -17.44 -12.51
N SER A 238 14.70 -17.08 -12.01
CA SER A 238 14.80 -16.08 -10.96
C SER A 238 15.94 -15.10 -11.25
N ALA A 239 15.86 -13.93 -10.63
CA ALA A 239 16.86 -12.88 -10.83
C ALA A 239 17.24 -12.22 -9.51
N LEU A 240 18.48 -11.74 -9.45
CA LEU A 240 19.02 -11.12 -8.25
C LEU A 240 19.67 -9.78 -8.57
N ILE A 241 19.36 -8.78 -7.75
CA ILE A 241 19.97 -7.46 -7.86
C ILE A 241 20.35 -6.98 -6.46
N SER A 242 21.36 -6.12 -6.37
CA SER A 242 21.92 -5.74 -5.06
C SER A 242 22.50 -4.34 -4.98
N LEU A 243 22.53 -3.80 -3.76
CA LEU A 243 23.19 -2.53 -3.46
C LEU A 243 23.98 -2.61 -2.15
N THR A 244 25.26 -2.25 -2.20
CA THR A 244 26.11 -2.18 -1.03
C THR A 244 26.06 -0.77 -0.43
N LYS A 245 26.64 -0.61 0.75
CA LYS A 245 26.75 0.71 1.38
C LYS A 245 27.66 1.65 0.57
N GLU A 246 28.72 1.08 -0.01
CA GLU A 246 29.63 1.86 -0.87
C GLU A 246 28.91 2.33 -2.13
N GLU A 247 28.12 1.45 -2.73
CA GLU A 247 27.34 1.80 -3.92
C GLU A 247 26.26 2.84 -3.59
N GLN A 248 25.55 2.63 -2.48
CA GLN A 248 24.51 3.57 -2.05
C GLN A 248 25.05 4.98 -1.81
N GLY A 249 26.13 5.06 -1.02
CA GLY A 249 26.79 6.34 -0.75
C GLY A 249 27.30 7.04 -1.99
N LYS A 250 27.86 6.25 -2.91
CA LYS A 250 28.42 6.78 -4.16
C LYS A 250 27.37 7.53 -4.99
N PHE A 251 26.19 6.92 -5.13
CA PHE A 251 25.09 7.51 -5.91
C PHE A 251 24.21 8.49 -5.09
N ASP A 252 24.63 8.81 -3.87
CA ASP A 252 23.88 9.71 -2.99
C ASP A 252 22.46 9.19 -2.76
N TYR A 253 22.36 8.05 -2.08
CA TYR A 253 21.08 7.38 -1.85
C TYR A 253 20.19 8.17 -0.90
N ILE A 254 18.94 8.39 -1.30
CA ILE A 254 17.91 8.98 -0.46
C ILE A 254 16.88 7.89 -0.18
N LYS A 255 16.19 7.99 0.96
CA LYS A 255 15.17 6.99 1.31
C LYS A 255 14.11 6.84 0.23
N GLY A 256 13.81 5.60 -0.13
CA GLY A 256 12.81 5.28 -1.15
C GLY A 256 13.35 5.24 -2.57
N ASP A 257 14.67 5.33 -2.72
CA ASP A 257 15.29 5.37 -4.05
C ASP A 257 15.25 4.02 -4.77
N SER A 258 15.33 2.93 -4.00
CA SER A 258 15.30 1.59 -4.58
C SER A 258 13.87 1.04 -4.74
N GLU A 259 12.87 1.82 -4.37
CA GLU A 259 11.47 1.42 -4.55
C GLU A 259 11.19 1.05 -6.00
N GLY A 260 10.61 -0.13 -6.21
CA GLY A 260 10.22 -0.58 -7.55
C GLY A 260 11.31 -1.34 -8.31
N PHE A 261 12.55 -1.24 -7.82
CA PHE A 261 13.69 -1.91 -8.46
C PHE A 261 13.48 -3.41 -8.57
N VAL A 262 12.94 -4.00 -7.51
CA VAL A 262 12.70 -5.45 -7.44
C VAL A 262 11.75 -5.96 -8.53
N ASN A 263 10.89 -5.07 -9.06
CA ASN A 263 9.92 -5.45 -10.09
C ASN A 263 10.51 -5.53 -11.48
N ILE A 264 11.55 -4.75 -11.75
CA ILE A 264 12.06 -4.60 -13.11
C ILE A 264 12.58 -5.90 -13.72
N PRO A 265 13.26 -6.76 -12.92
CA PRO A 265 13.75 -8.04 -13.44
C PRO A 265 12.64 -8.98 -13.94
N LEU A 266 11.42 -8.80 -13.43
CA LEU A 266 10.27 -9.62 -13.86
C LEU A 266 9.87 -9.35 -15.32
N SER A 267 10.34 -8.26 -15.89
CA SER A 267 10.08 -7.94 -17.29
C SER A 267 10.97 -8.75 -18.25
N ILE A 268 11.83 -9.59 -17.69
CA ILE A 268 12.61 -10.55 -18.48
C ILE A 268 11.76 -11.79 -18.72
N LYS A 269 11.77 -12.29 -19.96
CA LYS A 269 11.00 -13.49 -20.30
C LYS A 269 11.47 -14.68 -19.48
N ASN A 270 10.50 -15.41 -18.91
CA ASN A 270 10.76 -16.61 -18.09
C ASN A 270 11.46 -16.33 -16.75
N VAL A 271 11.35 -15.10 -16.26
CA VAL A 271 11.83 -14.75 -14.92
C VAL A 271 10.61 -14.38 -14.10
N CYS A 272 10.20 -15.28 -13.22
CA CYS A 272 8.97 -15.13 -12.46
C CYS A 272 9.21 -14.73 -11.01
N PHE A 273 10.47 -14.71 -10.58
CA PHE A 273 10.81 -14.44 -9.19
C PHE A 273 12.04 -13.53 -9.12
N SER A 274 11.95 -12.48 -8.33
CA SER A 274 13.00 -11.45 -8.30
C SER A 274 13.34 -11.02 -6.88
N CYS A 275 14.63 -10.94 -6.59
CA CYS A 275 15.12 -10.54 -5.26
C CYS A 275 16.08 -9.36 -5.34
N PHE A 276 15.91 -8.42 -4.41
CA PHE A 276 16.78 -7.25 -4.31
C PHE A 276 17.38 -7.16 -2.90
N LEU A 277 18.71 -7.09 -2.83
CA LEU A 277 19.44 -7.04 -1.57
C LEU A 277 20.06 -5.66 -1.34
N ARG A 278 19.76 -5.04 -0.21
CA ARG A 278 20.30 -3.71 0.11
C ARG A 278 20.88 -3.65 1.53
N GLU A 279 22.14 -3.19 1.64
CA GLU A 279 22.77 -2.99 2.95
C GLU A 279 22.16 -1.79 3.66
N ASP A 280 21.84 -1.95 4.94
CA ASP A 280 21.21 -0.89 5.74
C ASP A 280 22.25 0.10 6.27
N THR A 281 21.78 1.20 6.86
CA THR A 281 22.65 2.22 7.45
C THR A 281 23.11 1.85 8.87
N GLU A 282 23.79 0.72 8.99
CA GLU A 282 24.34 0.26 10.28
C GLU A 282 25.45 -0.78 10.09
N ILE A 286 21.60 -6.84 5.84
CA ILE A 286 21.13 -6.89 4.46
C ILE A 286 19.60 -6.89 4.43
N LYS A 287 19.01 -5.84 3.86
CA LYS A 287 17.56 -5.77 3.66
C LYS A 287 17.19 -6.51 2.37
N ILE A 288 16.17 -7.36 2.44
CA ILE A 288 15.73 -8.14 1.29
C ILE A 288 14.33 -7.71 0.84
N SER A 289 14.16 -7.57 -0.47
CA SER A 289 12.85 -7.33 -1.09
C SER A 289 12.59 -8.42 -2.12
N LEU A 290 11.41 -9.03 -2.08
CA LEU A 290 11.04 -10.12 -2.99
C LEU A 290 9.80 -9.78 -3.81
N ARG A 291 9.84 -10.13 -5.09
CA ARG A 291 8.71 -9.95 -6.00
C ARG A 291 8.53 -11.18 -6.87
N SER A 292 7.28 -11.55 -7.14
CA SER A 292 6.99 -12.60 -8.12
C SER A 292 5.82 -12.23 -9.01
N VAL A 293 5.80 -12.81 -10.21
CA VAL A 293 4.68 -12.72 -11.13
C VAL A 293 4.15 -14.13 -11.31
N GLY A 294 2.83 -14.29 -11.28
CA GLY A 294 2.21 -15.60 -11.24
C GLY A 294 1.90 -15.99 -9.81
N LYS A 295 2.17 -17.24 -9.46
CA LYS A 295 1.73 -17.79 -8.17
C LYS A 295 2.86 -18.19 -7.22
N PHE A 296 4.11 -17.91 -7.57
CA PHE A 296 5.23 -18.28 -6.71
C PHE A 296 5.21 -17.50 -5.39
N PRO A 297 5.17 -18.22 -4.25
CA PRO A 297 4.94 -17.57 -2.95
C PRO A 297 6.17 -16.87 -2.37
N CYS A 298 6.19 -15.54 -2.50
CA CYS A 298 7.26 -14.72 -1.90
C CYS A 298 7.24 -14.77 -0.38
N ASN A 299 6.04 -14.71 0.20
CA ASN A 299 5.90 -14.75 1.66
C ASN A 299 6.38 -16.03 2.35
N ARG A 300 6.31 -17.17 1.66
CA ARG A 300 6.77 -18.43 2.23
C ARG A 300 8.30 -18.44 2.32
N LEU A 301 8.95 -18.07 1.23
CA LEU A 301 10.42 -18.03 1.20
C LEU A 301 10.98 -17.02 2.20
N ALA A 302 10.35 -15.85 2.28
CA ALA A 302 10.77 -14.79 3.20
C ALA A 302 10.72 -15.26 4.66
N ALA A 303 9.64 -15.95 5.01
CA ALA A 303 9.43 -16.40 6.39
C ALA A 303 10.47 -17.42 6.83
N GLU A 304 10.87 -18.29 5.91
CA GLU A 304 11.85 -19.33 6.20
C GLU A 304 13.28 -18.79 6.22
N PHE A 305 13.68 -18.19 5.09
CA PHE A 305 15.09 -17.86 4.85
C PHE A 305 15.52 -16.46 5.27
N PHE A 306 14.57 -15.57 5.55
CA PHE A 306 14.89 -14.18 5.92
C PHE A 306 14.01 -13.65 7.06
N ASN A 307 13.54 -14.55 7.93
CA ASN A 307 12.60 -14.23 9.02
C ASN A 307 11.69 -13.03 8.75
N GLY A 308 11.10 -13.00 7.55
CA GLY A 308 10.22 -11.91 7.13
C GLY A 308 8.86 -12.42 6.73
N GLY A 309 8.33 -11.89 5.63
CA GLY A 309 7.01 -12.28 5.14
C GLY A 309 6.36 -11.17 4.33
N GLY A 310 5.04 -11.28 4.19
CA GLY A 310 4.26 -10.28 3.45
C GLY A 310 3.18 -10.95 2.61
N HIS A 311 3.18 -10.65 1.32
CA HIS A 311 2.16 -11.18 0.41
C HIS A 311 2.75 -12.15 -0.60
N LEU A 312 1.85 -12.81 -1.33
CA LEU A 312 2.21 -13.86 -2.29
C LEU A 312 3.20 -13.35 -3.33
N ASN A 313 2.95 -12.15 -3.85
CA ASN A 313 3.77 -11.58 -4.91
C ASN A 313 4.74 -10.51 -4.47
N ALA A 314 4.65 -10.05 -3.22
CA ALA A 314 5.55 -9.02 -2.70
C ALA A 314 5.83 -9.24 -1.20
N SER A 315 7.09 -9.44 -0.87
CA SER A 315 7.51 -9.66 0.52
C SER A 315 8.86 -9.01 0.81
N GLY A 316 9.25 -9.02 2.08
CA GLY A 316 10.55 -8.48 2.50
C GLY A 316 11.00 -9.02 3.85
N GLY A 317 12.22 -8.65 4.23
CA GLY A 317 12.81 -9.05 5.51
C GLY A 317 14.29 -8.72 5.58
N GLU A 318 14.86 -8.75 6.78
CA GLU A 318 16.29 -8.51 6.97
C GLU A 318 17.10 -9.80 7.11
N PHE A 319 18.38 -9.72 6.78
CA PHE A 319 19.34 -10.79 7.01
C PHE A 319 20.59 -10.19 7.65
N TYR A 320 20.82 -10.54 8.91
CA TYR A 320 21.95 -9.99 9.66
C TYR A 320 23.24 -10.75 9.32
N GLY A 321 23.99 -10.20 8.38
CA GLY A 321 25.24 -10.78 7.90
C GLY A 321 25.91 -9.88 6.88
N THR A 322 26.43 -10.47 5.81
CA THR A 322 27.07 -9.73 4.72
C THR A 322 26.42 -10.07 3.37
N GLU A 324 27.64 -11.33 0.19
CA GLU A 324 27.91 -12.68 -0.35
C GLU A 324 27.28 -13.76 0.53
N GLU A 325 27.23 -13.52 1.83
CA GLU A 325 26.59 -14.43 2.79
C GLU A 325 25.08 -14.48 2.57
N ALA A 326 24.47 -13.31 2.37
CA ALA A 326 23.02 -13.21 2.10
C ALA A 326 22.66 -13.80 0.72
N VAL A 327 23.57 -13.62 -0.24
CA VAL A 327 23.39 -14.17 -1.60
C VAL A 327 23.37 -15.69 -1.57
N LYS A 328 24.23 -16.28 -0.72
CA LYS A 328 24.31 -17.73 -0.60
C LYS A 328 23.01 -18.31 -0.03
N VAL A 329 22.44 -17.60 0.95
CA VAL A 329 21.14 -17.98 1.52
C VAL A 329 20.07 -17.96 0.43
N PHE A 330 20.05 -16.88 -0.35
CA PHE A 330 19.12 -16.77 -1.48
C PHE A 330 19.26 -17.96 -2.43
N GLU A 331 20.49 -18.39 -2.67
CA GLU A 331 20.78 -19.54 -3.53
C GLU A 331 20.32 -20.87 -2.92
N GLN A 332 20.21 -20.94 -1.59
CA GLN A 332 19.64 -22.12 -0.92
C GLN A 332 18.15 -22.23 -1.24
N ALA A 333 17.43 -21.13 -1.01
CA ALA A 333 15.99 -21.07 -1.25
C ALA A 333 15.62 -21.39 -2.70
N LEU A 334 16.43 -20.89 -3.65
CA LEU A 334 16.24 -21.21 -5.05
C LEU A 334 16.34 -22.72 -5.29
N GLU A 335 17.29 -23.36 -4.60
CA GLU A 335 17.52 -24.79 -4.77
C GLU A 335 16.39 -25.62 -4.15
N LYS A 336 15.93 -25.22 -2.97
CA LYS A 336 14.85 -25.94 -2.30
C LYS A 336 13.51 -25.82 -3.05
N TYR A 337 13.20 -24.61 -3.52
CA TYR A 337 11.95 -24.35 -4.22
C TYR A 337 12.09 -24.40 -5.75
N LYS A 338 13.17 -25.03 -6.23
CA LYS A 338 13.40 -25.21 -7.66
C LYS A 338 12.25 -25.94 -8.38
N PRO A 339 11.74 -27.05 -7.80
CA PRO A 339 10.62 -27.72 -8.46
C PRO A 339 9.35 -26.88 -8.52
N LEU A 340 9.10 -26.09 -7.48
CA LEU A 340 7.94 -25.20 -7.44
C LEU A 340 8.06 -24.13 -8.54
N LEU A 341 9.26 -23.60 -8.73
CA LEU A 341 9.53 -22.61 -9.78
C LEU A 341 9.32 -23.16 -11.19
N LYS A 342 9.70 -24.42 -11.41
CA LYS A 342 9.57 -25.05 -12.73
C LYS A 342 8.11 -25.28 -13.14
N GLU A 343 7.20 -25.32 -12.17
CA GLU A 343 5.77 -25.31 -12.48
C GLU A 343 5.32 -23.88 -12.80
#